data_5LJI
#
_entry.id   5LJI
#
_cell.length_a   101.676
_cell.length_b   101.676
_cell.length_c   68.285
_cell.angle_alpha   90.00
_cell.angle_beta   90.00
_cell.angle_gamma   120.00
#
_symmetry.space_group_name_H-M   'H 3'
#
loop_
_entity.id
_entity.type
_entity.pdbx_description
1 polymer Flavodoxin
2 non-polymer 'FLAVIN MONONUCLEOTIDE'
3 non-polymer 'CALCIUM ION'
4 water water
#
_entity_poly.entity_id   1
_entity_poly.type   'polypeptide(L)'
_entity_poly.pdbx_seq_one_letter_code
;(MSE)ALAKIVFAS(MSE)TGNTEEIADIVADKLRDLGLDVDVDECTTVDASDFLEADIAIVATYTYGDGELPDE(MSE)
(MSE)DFYEDLADLNLNGKIYGVVGSGDTFYDEFCKAVDDFDRVFVSTGAEKGSECVKVDLSAEEEDIERLEQFAEELAA
KVGA
;
_entity_poly.pdbx_strand_id   A,C
#
# COMPACT_ATOMS: atom_id res chain seq x y z
N ALA A 2 -14.77 5.90 2.90
CA ALA A 2 -13.81 6.22 3.97
C ALA A 2 -12.41 5.67 3.69
N LEU A 3 -11.40 6.46 4.05
CA LEU A 3 -10.01 6.13 3.77
C LEU A 3 -9.28 5.95 5.09
N ALA A 4 -8.61 4.81 5.23
CA ALA A 4 -7.71 4.56 6.36
C ALA A 4 -6.26 4.54 5.83
N LYS A 5 -5.40 5.24 6.55
CA LYS A 5 -3.97 5.19 6.32
C LYS A 5 -3.30 4.47 7.48
N ILE A 6 -2.47 3.51 7.11
CA ILE A 6 -1.69 2.70 7.95
C ILE A 6 -0.24 2.94 7.60
N VAL A 7 0.52 3.28 8.63
CA VAL A 7 1.94 3.44 8.57
C VAL A 7 2.67 2.48 9.50
N PHE A 8 3.64 1.71 8.97
CA PHE A 8 4.32 0.68 9.72
C PHE A 8 5.90 0.79 9.68
N ALA A 9 6.53 0.25 10.72
CA ALA A 9 7.98 -0.01 10.72
C ALA A 9 8.13 -1.48 11.04
N SER A 10 9.03 -2.14 10.34
CA SER A 10 9.30 -3.56 10.55
C SER A 10 10.68 -3.90 10.02
N THR A 12 12.08 -7.19 10.72
CA THR A 12 12.08 -8.60 10.38
C THR A 12 10.71 -9.10 10.01
N GLY A 13 9.78 -8.21 9.65
CA GLY A 13 8.53 -8.70 9.09
C GLY A 13 7.36 -8.95 10.03
N ASN A 14 7.54 -9.10 11.33
CA ASN A 14 6.34 -9.36 12.14
C ASN A 14 5.34 -8.20 12.10
N THR A 15 5.82 -6.97 12.19
CA THR A 15 4.91 -5.80 12.20
C THR A 15 4.26 -5.52 10.83
N GLU A 16 4.98 -5.79 9.74
CA GLU A 16 4.44 -5.63 8.42
C GLU A 16 3.31 -6.61 8.20
N GLU A 17 3.52 -7.88 8.55
CA GLU A 17 2.39 -8.85 8.47
C GLU A 17 1.12 -8.37 9.18
N ILE A 18 1.29 -7.94 10.42
CA ILE A 18 0.26 -7.30 11.26
C ILE A 18 -0.43 -6.14 10.55
N ALA A 19 0.34 -5.19 10.03
CA ALA A 19 -0.18 -4.04 9.25
C ALA A 19 -1.00 -4.55 8.05
N ASP A 20 -0.41 -5.50 7.32
CA ASP A 20 -1.06 -6.13 6.18
C ASP A 20 -2.33 -6.86 6.65
N ILE A 21 -2.35 -7.49 7.83
CA ILE A 21 -3.54 -8.20 8.29
C ILE A 21 -4.69 -7.21 8.53
N VAL A 22 -4.40 -6.10 9.17
CA VAL A 22 -5.42 -5.06 9.40
C VAL A 22 -5.94 -4.44 8.11
N ALA A 23 -5.02 -4.20 7.20
CA ALA A 23 -5.33 -3.55 5.93
C ALA A 23 -6.25 -4.45 5.10
N ASP A 24 -5.90 -5.73 4.94
CA ASP A 24 -6.73 -6.71 4.22
C ASP A 24 -8.15 -6.71 4.73
N LYS A 25 -8.30 -6.68 6.06
CA LYS A 25 -9.62 -6.71 6.66
C LYS A 25 -10.39 -5.46 6.41
N LEU A 26 -9.72 -4.31 6.55
CA LEU A 26 -10.40 -3.03 6.32
C LEU A 26 -10.89 -2.88 4.87
N ARG A 27 -10.09 -3.36 3.94
CA ARG A 27 -10.44 -3.48 2.51
C ARG A 27 -11.65 -4.39 2.35
N ASP A 28 -11.61 -5.58 2.92
CA ASP A 28 -12.75 -6.48 2.79
C ASP A 28 -14.05 -5.86 3.35
N LEU A 29 -13.94 -4.97 4.32
CA LEU A 29 -15.07 -4.23 4.87
C LEU A 29 -15.49 -3.00 4.10
N GLY A 30 -14.86 -2.75 2.95
CA GLY A 30 -15.30 -1.68 2.08
C GLY A 30 -14.62 -0.33 2.20
N LEU A 31 -13.52 -0.23 2.94
CA LEU A 31 -12.78 1.05 3.00
C LEU A 31 -11.72 1.12 1.91
N ASP A 32 -11.36 2.33 1.53
CA ASP A 32 -10.08 2.58 0.86
C ASP A 32 -9.01 2.43 1.92
N VAL A 33 -7.91 1.76 1.61
CA VAL A 33 -6.79 1.77 2.52
C VAL A 33 -5.46 1.95 1.79
N ASP A 34 -4.61 2.78 2.39
CA ASP A 34 -3.20 2.97 1.97
C ASP A 34 -2.29 2.42 3.12
N VAL A 35 -1.29 1.63 2.73
CA VAL A 35 -0.27 1.06 3.61
C VAL A 35 1.12 1.54 3.16
N ASP A 36 1.87 2.13 4.06
CA ASP A 36 3.22 2.65 3.78
C ASP A 36 4.20 2.36 4.90
N GLU A 37 5.42 2.13 4.48
CA GLU A 37 6.58 2.06 5.36
C GLU A 37 6.85 3.52 5.88
N CYS A 38 7.13 3.68 7.20
CA CYS A 38 7.26 5.00 7.84
C CYS A 38 8.29 5.95 7.21
N THR A 39 9.27 5.39 6.52
CA THR A 39 10.36 6.16 5.89
C THR A 39 9.93 6.81 4.60
N THR A 40 8.81 6.36 4.04
CA THR A 40 8.42 6.72 2.69
C THR A 40 7.33 7.76 2.65
N VAL A 41 6.92 8.27 3.81
CA VAL A 41 5.65 8.97 3.90
C VAL A 41 5.75 10.04 5.00
N ASP A 42 5.02 11.15 4.88
CA ASP A 42 4.95 12.09 5.96
C ASP A 42 3.78 11.86 6.90
N ALA A 43 4.00 12.04 8.19
CA ALA A 43 2.90 11.96 9.15
C ALA A 43 1.73 12.79 8.75
N SER A 44 1.99 13.96 8.15
CA SER A 44 0.93 14.86 7.68
C SER A 44 0.02 14.29 6.58
N ASP A 45 0.41 13.18 5.94
CA ASP A 45 -0.53 12.49 5.02
C ASP A 45 -1.80 12.04 5.79
N PHE A 46 -1.68 11.83 7.10
CA PHE A 46 -2.87 11.55 7.90
C PHE A 46 -3.98 12.59 7.86
N LEU A 47 -3.63 13.85 7.57
CA LEU A 47 -4.65 14.90 7.44
C LEU A 47 -5.70 14.63 6.39
N GLU A 48 -5.32 13.84 5.39
CA GLU A 48 -6.17 13.48 4.28
C GLU A 48 -7.04 12.23 4.52
N ALA A 49 -6.85 11.55 5.66
CA ALA A 49 -7.52 10.26 5.89
C ALA A 49 -8.60 10.42 6.91
N ASP A 50 -9.52 9.46 7.00
CA ASP A 50 -10.55 9.47 8.07
C ASP A 50 -10.08 8.66 9.28
N ILE A 51 -9.18 7.70 9.02
CA ILE A 51 -8.65 6.80 10.06
C ILE A 51 -7.13 6.79 9.87
N ALA A 52 -6.41 6.97 10.97
CA ALA A 52 -4.97 6.92 10.99
C ALA A 52 -4.55 5.79 11.89
N ILE A 53 -3.69 4.93 11.38
CA ILE A 53 -3.26 3.77 12.14
C ILE A 53 -1.77 3.70 12.11
N VAL A 54 -1.16 3.43 13.27
CA VAL A 54 0.30 3.10 13.32
C VAL A 54 0.56 1.69 13.76
N ALA A 55 1.46 0.99 13.07
CA ALA A 55 1.83 -0.37 13.39
C ALA A 55 3.31 -0.39 13.67
N THR A 56 3.71 -0.63 14.93
CA THR A 56 5.15 -0.51 15.29
C THR A 56 5.66 -1.66 16.07
N TYR A 57 6.97 -1.93 15.98
CA TYR A 57 7.61 -2.83 16.93
C TYR A 57 8.26 -1.96 18.02
N THR A 58 8.77 -2.61 19.05
CA THR A 58 9.52 -1.92 20.11
C THR A 58 10.92 -2.48 20.26
N TYR A 59 11.84 -1.56 20.43
CA TYR A 59 13.23 -1.93 20.27
C TYR A 59 14.08 -1.20 21.31
N GLY A 60 14.49 -1.91 22.34
CA GLY A 60 15.36 -1.31 23.40
C GLY A 60 14.66 -0.35 24.35
N ASP A 61 15.46 0.17 25.27
CA ASP A 61 14.99 1.13 26.25
C ASP A 61 14.42 2.40 25.65
N GLY A 62 14.92 2.82 24.48
CA GLY A 62 14.30 3.97 23.74
C GLY A 62 12.93 3.64 23.12
N GLU A 63 12.62 2.36 23.02
CA GLU A 63 11.32 1.89 22.58
C GLU A 63 10.95 2.06 21.09
N LEU A 64 11.00 3.29 20.60
CA LEU A 64 10.72 3.56 19.18
C LEU A 64 11.81 2.97 18.28
N PRO A 65 11.41 2.27 17.21
CA PRO A 65 12.42 1.98 16.21
C PRO A 65 13.09 3.28 15.67
N ASP A 66 14.40 3.27 15.50
CA ASP A 66 15.23 4.35 14.89
C ASP A 66 14.55 5.02 13.70
N GLU A 67 14.14 4.18 12.76
CA GLU A 67 13.49 4.62 11.53
C GLU A 67 12.11 5.29 11.75
N ASP A 70 11.58 10.08 13.27
CA ASP A 70 11.16 11.22 12.55
C ASP A 70 9.65 11.31 12.48
N PHE A 71 9.04 10.17 12.16
CA PHE A 71 7.61 10.12 11.90
C PHE A 71 6.88 10.46 13.20
N TYR A 72 7.35 9.89 14.31
CA TYR A 72 6.77 10.10 15.65
C TYR A 72 6.76 11.56 16.00
N GLU A 73 7.90 12.20 15.73
CA GLU A 73 8.09 13.60 16.10
C GLU A 73 7.19 14.45 15.26
N ASP A 74 7.09 14.14 13.95
CA ASP A 74 6.20 14.89 13.09
C ASP A 74 4.72 14.64 13.47
N LEU A 75 4.34 13.39 13.76
CA LEU A 75 2.96 13.16 14.22
C LEU A 75 2.53 14.05 15.42
N ALA A 76 3.47 14.22 16.34
CA ALA A 76 3.25 14.95 17.59
C ALA A 76 2.98 16.44 17.35
N ASP A 77 3.26 16.94 16.13
CA ASP A 77 2.95 18.33 15.78
C ASP A 77 1.63 18.56 15.01
N LEU A 78 0.84 17.52 14.75
CA LEU A 78 -0.38 17.68 13.98
C LEU A 78 -1.62 17.86 14.81
N ASN A 79 -2.63 18.43 14.17
CA ASN A 79 -3.96 18.45 14.73
C ASN A 79 -4.77 17.50 13.92
N LEU A 80 -5.27 16.48 14.61
CA LEU A 80 -6.04 15.43 13.96
C LEU A 80 -7.42 15.31 14.62
N ASN A 81 -7.91 16.38 15.24
CA ASN A 81 -9.34 16.41 15.67
C ASN A 81 -10.26 16.09 14.55
N GLY A 82 -11.31 15.32 14.83
CA GLY A 82 -12.14 14.74 13.76
C GLY A 82 -11.63 13.47 13.06
N LYS A 83 -10.38 13.07 13.27
CA LYS A 83 -9.91 11.76 12.79
C LYS A 83 -10.08 10.72 13.90
N ILE A 84 -10.08 9.45 13.48
CA ILE A 84 -10.10 8.25 14.30
C ILE A 84 -8.71 7.57 14.18
N TYR A 85 -8.16 7.09 15.31
CA TYR A 85 -6.85 6.46 15.32
C TYR A 85 -6.92 5.13 16.02
N GLY A 86 -5.95 4.26 15.70
CA GLY A 86 -5.73 3.02 16.40
C GLY A 86 -4.27 2.69 16.24
N VAL A 87 -3.76 1.91 17.18
CA VAL A 87 -2.34 1.54 17.26
C VAL A 87 -2.23 0.04 17.48
N VAL A 88 -1.33 -0.60 16.71
CA VAL A 88 -1.00 -2.02 16.87
C VAL A 88 0.49 -2.21 16.81
N GLY A 89 0.99 -3.35 17.23
CA GLY A 89 2.42 -3.53 17.36
C GLY A 89 2.83 -4.97 17.61
N SER A 90 4.09 -5.25 17.33
CA SER A 90 4.73 -6.47 17.69
C SER A 90 5.86 -6.14 18.65
N GLY A 91 5.97 -6.97 19.66
CA GLY A 91 7.07 -6.95 20.60
C GLY A 91 7.38 -8.39 20.99
N ASP A 92 7.85 -8.55 22.22
CA ASP A 92 8.39 -9.80 22.75
C ASP A 92 8.20 -9.78 24.29
N THR A 93 7.35 -10.69 24.75
CA THR A 93 6.88 -10.79 26.13
C THR A 93 8.00 -11.15 27.11
N PHE A 94 9.18 -11.36 26.57
CA PHE A 94 10.41 -11.46 27.31
C PHE A 94 10.64 -10.19 28.11
N TYR A 95 10.32 -9.07 27.49
CA TYR A 95 10.46 -7.73 28.10
C TYR A 95 9.21 -7.38 28.95
N ASP A 96 9.44 -6.73 30.09
CA ASP A 96 8.31 -6.13 30.84
C ASP A 96 7.81 -4.93 30.08
N GLU A 97 8.68 -4.29 29.27
CA GLU A 97 8.25 -3.18 28.38
C GLU A 97 7.66 -3.70 27.09
N PHE A 98 6.62 -4.52 27.24
CA PHE A 98 6.03 -5.29 26.18
C PHE A 98 5.22 -4.37 25.31
N CYS A 99 5.64 -4.24 24.05
CA CYS A 99 4.96 -3.37 23.07
C CYS A 99 4.82 -1.95 23.57
N LYS A 100 5.74 -1.52 24.39
CA LYS A 100 5.81 -0.08 24.73
C LYS A 100 5.66 0.97 23.66
N ALA A 101 6.25 0.75 22.49
CA ALA A 101 6.13 1.77 21.41
C ALA A 101 4.67 1.96 21.05
N VAL A 102 3.87 0.91 21.22
CA VAL A 102 2.41 1.03 21.02
C VAL A 102 1.78 2.07 22.00
N ASP A 103 2.05 1.93 23.29
CA ASP A 103 1.63 2.93 24.28
C ASP A 103 2.19 4.33 23.99
N ASP A 104 3.43 4.41 23.55
CA ASP A 104 3.97 5.71 23.18
C ASP A 104 3.16 6.34 22.08
N PHE A 105 2.90 5.59 21.00
CA PHE A 105 2.15 6.17 19.87
C PHE A 105 0.71 6.52 20.27
N ASP A 106 0.19 5.75 21.19
CA ASP A 106 -1.16 5.94 21.68
C ASP A 106 -1.28 7.33 22.31
N ARG A 107 -0.35 7.64 23.21
CA ARG A 107 -0.37 8.91 23.90
C ARG A 107 0.00 10.08 23.00
N VAL A 108 0.86 9.88 22.01
CA VAL A 108 0.99 10.94 21.02
C VAL A 108 -0.30 11.15 20.20
N PHE A 109 -0.92 10.09 19.70
CA PHE A 109 -2.18 10.29 19.03
C PHE A 109 -3.17 11.14 19.86
N VAL A 110 -3.31 10.81 21.13
CA VAL A 110 -4.27 11.49 21.97
C VAL A 110 -3.98 13.01 21.97
N SER A 111 -2.70 13.35 22.07
CA SER A 111 -2.22 14.74 21.96
C SER A 111 -2.70 15.48 20.75
N THR A 112 -2.84 14.77 19.65
CA THR A 112 -3.20 15.41 18.38
C THR A 112 -4.69 15.76 18.33
N GLY A 113 -5.48 15.25 19.28
CA GLY A 113 -6.95 15.50 19.26
C GLY A 113 -7.72 14.39 18.60
N ALA A 114 -7.02 13.45 17.98
CA ALA A 114 -7.69 12.29 17.39
C ALA A 114 -8.40 11.44 18.42
N GLU A 115 -9.48 10.80 17.99
CA GLU A 115 -10.31 9.97 18.84
C GLU A 115 -9.91 8.52 18.58
N LYS A 116 -9.53 7.86 19.66
CA LYS A 116 -9.27 6.43 19.68
C LYS A 116 -10.49 5.64 19.22
N GLY A 117 -10.29 4.74 18.25
CA GLY A 117 -11.37 3.99 17.68
C GLY A 117 -11.53 2.58 18.20
N SER A 118 -10.50 2.00 18.78
CA SER A 118 -10.59 0.62 19.30
C SER A 118 -9.39 0.45 20.18
N GLU A 119 -9.46 -0.48 21.13
CA GLU A 119 -8.33 -0.71 22.04
C GLU A 119 -7.09 -1.11 21.19
N CYS A 120 -5.92 -0.70 21.63
CA CYS A 120 -4.70 -1.03 20.90
CA CYS A 120 -4.69 -1.04 20.93
C CYS A 120 -4.38 -2.51 21.03
N VAL A 121 -3.83 -3.10 19.97
CA VAL A 121 -3.45 -4.53 20.06
C VAL A 121 -1.93 -4.73 20.01
N LYS A 122 -1.44 -5.41 21.03
CA LYS A 122 -0.05 -5.72 21.21
C LYS A 122 0.12 -7.16 20.87
N VAL A 123 1.11 -7.45 20.02
CA VAL A 123 1.35 -8.82 19.62
C VAL A 123 2.73 -9.28 20.04
N ASP A 124 2.76 -10.50 20.55
CA ASP A 124 3.97 -11.10 21.05
C ASP A 124 4.61 -11.75 19.81
N LEU A 125 5.72 -11.18 19.37
CA LEU A 125 6.46 -11.68 18.20
C LEU A 125 5.55 -11.85 16.97
N SER A 126 5.52 -13.04 16.39
CA SER A 126 4.72 -13.27 15.21
C SER A 126 3.29 -13.47 15.60
N ALA A 127 2.38 -13.12 14.69
CA ALA A 127 0.96 -13.28 14.99
C ALA A 127 0.47 -14.71 14.83
N GLU A 128 -0.42 -15.13 15.72
CA GLU A 128 -1.06 -16.42 15.63
C GLU A 128 -2.56 -16.13 15.83
N GLU A 129 -3.36 -17.19 15.81
CA GLU A 129 -4.82 -17.07 15.76
C GLU A 129 -5.43 -16.05 16.69
N GLU A 130 -4.98 -16.03 17.95
CA GLU A 130 -5.56 -15.08 18.92
C GLU A 130 -5.29 -13.63 18.49
N ASP A 131 -4.12 -13.43 17.91
CA ASP A 131 -3.71 -12.09 17.45
C ASP A 131 -4.63 -11.70 16.30
N ILE A 132 -4.94 -12.69 15.48
CA ILE A 132 -5.81 -12.47 14.37
C ILE A 132 -7.26 -12.11 14.80
N GLU A 133 -7.83 -12.72 15.84
CA GLU A 133 -9.19 -12.31 16.15
C GLU A 133 -9.18 -10.92 16.74
N ARG A 134 -8.10 -10.57 17.43
CA ARG A 134 -8.00 -9.26 18.06
C ARG A 134 -7.81 -8.19 17.02
N LEU A 135 -6.92 -8.47 16.08
CA LEU A 135 -6.67 -7.51 14.97
C LEU A 135 -7.90 -7.40 14.08
N GLU A 136 -8.54 -8.52 13.84
CA GLU A 136 -9.84 -8.55 13.15
C GLU A 136 -10.86 -7.68 13.89
N GLN A 137 -10.93 -7.79 15.21
CA GLN A 137 -11.88 -6.97 15.96
C GLN A 137 -11.53 -5.49 15.93
N PHE A 138 -10.24 -5.24 16.08
CA PHE A 138 -9.72 -3.89 15.96
C PHE A 138 -10.24 -3.28 14.64
N ALA A 139 -10.10 -4.01 13.53
CA ALA A 139 -10.54 -3.45 12.23
C ALA A 139 -12.08 -3.30 12.15
N GLU A 140 -12.81 -4.32 12.61
CA GLU A 140 -14.30 -4.21 12.65
C GLU A 140 -14.70 -2.96 13.42
N GLU A 141 -14.07 -2.72 14.57
CA GLU A 141 -14.50 -1.61 15.42
C GLU A 141 -14.21 -0.27 14.80
N LEU A 142 -13.08 -0.16 14.09
CA LEU A 142 -12.74 1.07 13.44
C LEU A 142 -13.59 1.36 12.22
N ALA A 143 -13.91 0.33 11.43
CA ALA A 143 -14.86 0.49 10.33
C ALA A 143 -16.20 1.00 10.87
N ALA A 144 -16.68 0.44 11.98
CA ALA A 144 -17.98 0.81 12.57
C ALA A 144 -18.09 2.30 12.94
N LYS A 145 -17.01 2.90 13.40
CA LYS A 145 -17.03 4.34 13.67
C LYS A 145 -17.03 5.17 12.37
N VAL A 146 -16.85 4.49 11.22
CA VAL A 146 -17.01 5.08 9.86
C VAL A 146 -16.06 6.24 9.58
N ALA B 2 12.09 -10.45 -2.80
CA ALA B 2 11.85 -9.53 -3.96
C ALA B 2 10.72 -8.55 -3.71
N LEU B 3 10.90 -7.33 -4.19
CA LEU B 3 9.97 -6.24 -3.95
C LEU B 3 9.40 -5.79 -5.28
N ALA B 4 8.09 -5.77 -5.36
CA ALA B 4 7.38 -5.16 -6.49
C ALA B 4 6.73 -3.87 -6.02
N LYS B 5 6.87 -2.84 -6.85
CA LYS B 5 6.14 -1.59 -6.68
C LYS B 5 5.12 -1.44 -7.80
N ILE B 6 3.90 -1.12 -7.37
CA ILE B 6 2.80 -0.87 -8.20
C ILE B 6 2.36 0.56 -7.95
N VAL B 7 2.23 1.29 -9.05
CA VAL B 7 1.70 2.63 -9.08
C VAL B 7 0.44 2.74 -9.98
N PHE B 8 -0.69 3.25 -9.44
CA PHE B 8 -1.94 3.31 -10.11
C PHE B 8 -2.60 4.73 -10.15
N ALA B 9 -3.42 4.96 -11.16
CA ALA B 9 -4.33 6.10 -11.20
C ALA B 9 -5.70 5.51 -11.39
N SER B 10 -6.67 6.05 -10.71
CA SER B 10 -8.04 5.62 -10.81
C SER B 10 -8.97 6.73 -10.36
N THR B 12 -12.55 6.31 -10.80
CA THR B 12 -13.79 5.68 -10.35
C THR B 12 -13.55 4.27 -9.85
N GLY B 13 -12.32 3.91 -9.50
CA GLY B 13 -12.15 2.61 -8.87
C GLY B 13 -11.83 1.40 -9.74
N ASN B 14 -12.13 1.38 -11.02
CA ASN B 14 -11.82 0.14 -11.77
C ASN B 14 -10.34 -0.17 -11.78
N THR B 15 -9.49 0.83 -12.01
CA THR B 15 -8.02 0.58 -12.07
C THR B 15 -7.39 0.25 -10.70
N GLU B 16 -7.91 0.85 -9.63
CA GLU B 16 -7.46 0.55 -8.28
C GLU B 16 -7.77 -0.90 -7.92
N GLU B 17 -8.98 -1.35 -8.19
CA GLU B 17 -9.30 -2.78 -7.98
C GLU B 17 -8.29 -3.72 -8.67
N ILE B 18 -8.07 -3.46 -9.95
CA ILE B 18 -7.06 -4.13 -10.78
C ILE B 18 -5.68 -4.12 -10.14
N ALA B 19 -5.21 -2.95 -9.72
CA ALA B 19 -3.93 -2.81 -9.01
C ALA B 19 -3.91 -3.69 -7.75
N ASP B 20 -4.98 -3.55 -6.95
CA ASP B 20 -5.16 -4.35 -5.74
C ASP B 20 -5.23 -5.84 -6.08
N ILE B 21 -5.78 -6.23 -7.24
CA ILE B 21 -5.86 -7.64 -7.57
C ILE B 21 -4.47 -8.18 -7.81
N VAL B 22 -3.65 -7.46 -8.56
CA VAL B 22 -2.29 -7.91 -8.84
C VAL B 22 -1.46 -7.98 -7.57
N ALA B 23 -1.66 -6.99 -6.72
CA ALA B 23 -0.88 -6.85 -5.52
C ALA B 23 -1.17 -8.02 -4.58
N ASP B 24 -2.46 -8.31 -4.35
CA ASP B 24 -2.89 -9.43 -3.48
C ASP B 24 -2.24 -10.73 -3.92
N LYS B 25 -2.23 -10.95 -5.23
CA LYS B 25 -1.64 -12.16 -5.77
C LYS B 25 -0.15 -12.22 -5.58
N LEU B 26 0.55 -11.12 -5.87
CA LEU B 26 2.01 -11.08 -5.70
C LEU B 26 2.44 -11.32 -4.23
N ARG B 27 1.68 -10.75 -3.29
CA ARG B 27 1.81 -11.00 -1.85
C ARG B 27 1.59 -12.48 -1.56
N ASP B 28 0.50 -13.05 -2.02
CA ASP B 28 0.29 -14.50 -1.78
C ASP B 28 1.44 -15.38 -2.31
N LEU B 29 2.10 -14.94 -3.38
CA LEU B 29 3.26 -15.63 -3.94
C LEU B 29 4.55 -15.35 -3.25
N GLY B 30 4.52 -14.60 -2.15
CA GLY B 30 5.71 -14.41 -1.33
C GLY B 30 6.55 -13.18 -1.58
N LEU B 31 6.10 -12.24 -2.40
CA LEU B 31 6.87 -10.99 -2.61
C LEU B 31 6.49 -9.94 -1.60
N ASP B 32 7.39 -9.02 -1.32
CA ASP B 32 7.04 -7.74 -0.74
C ASP B 32 6.34 -6.96 -1.85
N VAL B 33 5.23 -6.29 -1.54
CA VAL B 33 4.66 -5.36 -2.48
C VAL B 33 4.23 -4.03 -1.85
N ASP B 34 4.53 -2.94 -2.55
CA ASP B 34 4.06 -1.57 -2.21
C ASP B 34 3.08 -1.12 -3.34
N VAL B 35 1.94 -0.57 -2.93
CA VAL B 35 0.91 -0.05 -3.81
C VAL B 35 0.65 1.43 -3.48
N ASP B 36 0.78 2.30 -4.48
CA ASP B 36 0.61 3.75 -4.31
C ASP B 36 -0.14 4.39 -5.44
N GLU B 37 -0.94 5.37 -5.05
CA GLU B 37 -1.58 6.29 -5.96
C GLU B 37 -0.47 7.18 -6.62
N CYS B 38 -0.51 7.39 -7.96
CA CYS B 38 0.54 8.07 -8.72
C CYS B 38 0.92 9.48 -8.25
N THR B 39 0.00 10.15 -7.55
CA THR B 39 0.20 11.49 -7.02
C THR B 39 1.05 11.52 -5.77
N THR B 40 1.21 10.38 -5.12
CA THR B 40 1.76 10.32 -3.77
C THR B 40 3.20 9.87 -3.76
N VAL B 41 3.78 9.66 -4.92
CA VAL B 41 4.99 8.85 -5.00
C VAL B 41 5.82 9.35 -6.20
N ASP B 42 7.13 9.23 -6.16
CA ASP B 42 7.95 9.53 -7.30
C ASP B 42 8.25 8.34 -8.18
N ALA B 43 8.24 8.53 -9.48
CA ALA B 43 8.66 7.44 -10.37
C ALA B 43 9.97 6.83 -9.99
N SER B 44 10.91 7.67 -9.52
CA SER B 44 12.23 7.21 -9.06
C SER B 44 12.21 6.23 -7.87
N ASP B 45 11.09 6.10 -7.16
CA ASP B 45 10.96 5.00 -6.15
C ASP B 45 11.15 3.62 -6.81
N PHE B 46 10.86 3.52 -8.10
CA PHE B 46 11.13 2.27 -8.81
C PHE B 46 12.57 1.78 -8.80
N LEU B 47 13.52 2.69 -8.62
CA LEU B 47 14.94 2.31 -8.54
C LEU B 47 15.23 1.34 -7.41
N GLU B 48 14.42 1.40 -6.36
CA GLU B 48 14.57 0.59 -5.20
C GLU B 48 13.88 -0.79 -5.30
N ALA B 49 13.14 -1.04 -6.39
CA ALA B 49 12.32 -2.26 -6.49
C ALA B 49 12.94 -3.22 -7.47
N ASP B 50 12.53 -4.48 -7.42
CA ASP B 50 12.98 -5.45 -8.44
C ASP B 50 11.99 -5.52 -9.62
N ILE B 51 10.73 -5.16 -9.35
CA ILE B 51 9.63 -5.22 -10.32
C ILE B 51 8.88 -3.88 -10.19
N ALA B 52 8.63 -3.25 -11.34
CA ALA B 52 7.91 -2.00 -11.41
C ALA B 52 6.67 -2.25 -12.23
N ILE B 53 5.54 -1.86 -11.68
CA ILE B 53 4.28 -2.09 -12.37
C ILE B 53 3.50 -0.81 -12.41
N VAL B 54 2.94 -0.48 -13.57
CA VAL B 54 1.95 0.64 -13.68
C VAL B 54 0.56 0.16 -14.01
N ALA B 55 -0.44 0.69 -13.33
CA ALA B 55 -1.84 0.34 -13.56
C ALA B 55 -2.54 1.64 -13.91
N THR B 56 -3.00 1.79 -15.17
CA THR B 56 -3.63 3.05 -15.59
C THR B 56 -4.96 2.87 -16.29
N TYR B 57 -5.81 3.89 -16.21
CA TYR B 57 -6.93 3.97 -17.12
C TYR B 57 -6.52 4.87 -18.31
N THR B 58 -7.37 4.91 -19.31
CA THR B 58 -7.16 5.79 -20.48
C THR B 58 -8.32 6.76 -20.64
N TYR B 59 -7.97 7.99 -20.93
CA TYR B 59 -8.96 9.06 -20.81
C TYR B 59 -8.81 10.05 -21.97
N GLY B 60 -9.66 9.94 -22.96
CA GLY B 60 -9.64 10.88 -24.09
C GLY B 60 -8.50 10.69 -25.06
N ASP B 61 -8.46 11.60 -26.02
CA ASP B 61 -7.45 11.59 -27.08
C ASP B 61 -6.03 11.73 -26.55
N GLY B 62 -5.85 12.44 -25.44
CA GLY B 62 -4.49 12.50 -24.78
C GLY B 62 -4.10 11.17 -24.08
N GLU B 63 -5.08 10.31 -23.85
CA GLU B 63 -4.84 9.00 -23.31
C GLU B 63 -4.46 8.92 -21.83
N LEU B 64 -3.38 9.57 -21.45
CA LEU B 64 -2.91 9.55 -20.06
C LEU B 64 -3.88 10.29 -19.18
N PRO B 65 -4.24 9.71 -18.04
CA PRO B 65 -4.94 10.54 -17.05
C PRO B 65 -4.09 11.79 -16.64
N ASP B 66 -4.73 12.95 -16.50
CA ASP B 66 -4.14 14.23 -16.01
C ASP B 66 -3.16 14.03 -14.85
N GLU B 67 -3.66 13.35 -13.84
CA GLU B 67 -2.91 13.07 -12.63
C GLU B 67 -1.68 12.15 -12.84
N ASP B 70 2.73 13.88 -14.68
CA ASP B 70 4.01 14.10 -14.04
C ASP B 70 4.76 12.78 -13.94
N PHE B 71 4.06 11.75 -13.48
CA PHE B 71 4.70 10.49 -13.18
C PHE B 71 5.29 9.91 -14.47
N TYR B 72 4.50 9.97 -15.55
CA TYR B 72 4.91 9.42 -16.87
C TYR B 72 6.18 10.07 -17.34
N GLU B 73 6.19 11.41 -17.22
CA GLU B 73 7.32 12.19 -17.70
C GLU B 73 8.53 11.88 -16.87
N ASP B 74 8.37 11.76 -15.54
CA ASP B 74 9.48 11.41 -14.69
C ASP B 74 9.96 9.97 -14.97
N LEU B 75 9.06 9.01 -15.12
CA LEU B 75 9.48 7.66 -15.48
C LEU B 75 10.42 7.61 -16.73
N ALA B 76 10.07 8.42 -17.73
CA ALA B 76 10.76 8.46 -19.03
C ALA B 76 12.22 8.96 -18.89
N ASP B 77 12.57 9.52 -17.73
CA ASP B 77 13.93 9.98 -17.48
C ASP B 77 14.81 8.97 -16.66
N LEU B 78 14.31 7.80 -16.30
CA LEU B 78 15.05 6.87 -15.48
C LEU B 78 15.77 5.79 -16.26
N ASN B 79 16.77 5.20 -15.61
CA ASN B 79 17.40 3.98 -16.10
C ASN B 79 17.00 2.87 -15.16
N LEU B 80 16.29 1.91 -15.73
CA LEU B 80 15.75 0.81 -14.96
C LEU B 80 16.26 -0.51 -15.54
N ASN B 81 17.41 -0.49 -16.23
CA ASN B 81 18.09 -1.75 -16.59
C ASN B 81 18.26 -2.64 -15.39
N GLY B 82 18.08 -3.95 -15.57
CA GLY B 82 18.04 -4.89 -14.45
C GLY B 82 16.73 -4.95 -13.67
N LYS B 83 15.79 -4.04 -13.89
CA LYS B 83 14.42 -4.19 -13.34
C LYS B 83 13.54 -4.90 -14.35
N ILE B 84 12.44 -5.46 -13.83
CA ILE B 84 11.37 -6.14 -14.55
C ILE B 84 10.14 -5.23 -14.46
N TYR B 85 9.40 -5.07 -15.56
CA TYR B 85 8.22 -4.23 -15.58
C TYR B 85 7.05 -4.96 -16.15
N GLY B 86 5.85 -4.50 -15.83
CA GLY B 86 4.60 -4.96 -16.43
C GLY B 86 3.61 -3.82 -16.31
N VAL B 87 2.64 -3.80 -17.21
CA VAL B 87 1.63 -2.74 -17.34
C VAL B 87 0.25 -3.34 -17.44
N VAL B 88 -0.69 -2.78 -16.67
CA VAL B 88 -2.10 -3.18 -16.71
C VAL B 88 -2.98 -1.96 -16.71
N GLY B 89 -4.25 -2.12 -17.09
CA GLY B 89 -5.08 -0.95 -17.28
C GLY B 89 -6.54 -1.29 -17.45
N SER B 90 -7.39 -0.29 -17.20
CA SER B 90 -8.78 -0.32 -17.49
C SER B 90 -9.09 0.73 -18.51
N GLY B 91 -9.94 0.36 -19.44
CA GLY B 91 -10.47 1.26 -20.43
C GLY B 91 -11.90 0.82 -20.72
N ASP B 92 -12.31 1.05 -21.97
CA ASP B 92 -13.69 0.87 -22.42
C ASP B 92 -13.66 0.57 -23.94
N THR B 93 -14.07 -0.64 -24.28
CA THR B 93 -13.98 -1.22 -25.63
C THR B 93 -14.87 -0.48 -26.65
N PHE B 94 -15.61 0.50 -26.15
CA PHE B 94 -16.31 1.45 -26.94
C PHE B 94 -15.35 2.19 -27.86
N TYR B 95 -14.18 2.50 -27.31
CA TYR B 95 -13.10 3.21 -28.03
C TYR B 95 -12.25 2.22 -28.84
N ASP B 96 -11.83 2.62 -30.03
CA ASP B 96 -10.81 1.86 -30.77
C ASP B 96 -9.48 2.04 -30.10
N GLU B 97 -9.31 3.18 -29.38
CA GLU B 97 -8.08 3.40 -28.55
C GLU B 97 -8.20 2.75 -27.17
N PHE B 98 -8.44 1.44 -27.21
CA PHE B 98 -8.76 0.64 -26.07
C PHE B 98 -7.53 0.46 -25.25
N CYS B 99 -7.55 0.98 -24.02
CA CYS B 99 -6.43 0.87 -23.07
C CYS B 99 -5.12 1.36 -23.70
N LYS B 100 -5.22 2.33 -24.59
CA LYS B 100 -4.02 3.03 -25.05
C LYS B 100 -2.97 3.46 -24.05
N ALA B 101 -3.40 3.97 -22.90
CA ALA B 101 -2.37 4.46 -21.90
C ALA B 101 -1.49 3.28 -21.48
N VAL B 102 -2.05 2.07 -21.52
CA VAL B 102 -1.25 0.85 -21.28
C VAL B 102 -0.10 0.70 -22.30
N ASP B 103 -0.43 0.78 -23.59
CA ASP B 103 0.62 0.80 -24.64
C ASP B 103 1.61 1.98 -24.49
N ASP B 104 1.11 3.15 -24.14
CA ASP B 104 2.01 4.27 -23.89
C ASP B 104 3.00 3.94 -22.78
N PHE B 105 2.52 3.45 -21.65
CA PHE B 105 3.45 3.16 -20.52
C PHE B 105 4.42 2.02 -20.88
N ASP B 106 3.93 1.11 -21.71
CA ASP B 106 4.73 -0.02 -22.14
C ASP B 106 5.98 0.49 -22.88
N ARG B 107 5.78 1.37 -23.84
CA ARG B 107 6.87 1.90 -24.64
C ARG B 107 7.75 2.86 -23.84
N VAL B 108 7.20 3.61 -22.89
CA VAL B 108 8.10 4.32 -22.02
C VAL B 108 8.96 3.35 -21.14
N PHE B 109 8.34 2.35 -20.52
CA PHE B 109 9.15 1.39 -19.80
C PHE B 109 10.35 0.86 -20.64
N VAL B 110 10.07 0.49 -21.87
CA VAL B 110 11.08 -0.12 -22.72
C VAL B 110 12.29 0.84 -22.83
N SER B 111 11.98 2.11 -23.03
CA SER B 111 12.99 3.20 -23.06
C SER B 111 13.90 3.24 -21.89
N THR B 112 13.40 2.87 -20.73
CA THR B 112 14.18 2.97 -19.49
C THR B 112 15.22 1.82 -19.41
N GLY B 113 15.10 0.81 -20.27
CA GLY B 113 16.00 -0.34 -20.19
C GLY B 113 15.43 -1.49 -19.41
N ALA B 114 14.28 -1.27 -18.75
CA ALA B 114 13.62 -2.37 -18.05
C ALA B 114 13.16 -3.47 -18.98
N GLU B 115 13.13 -4.69 -18.46
CA GLU B 115 12.74 -5.87 -19.21
C GLU B 115 11.30 -6.20 -18.87
N LYS B 116 10.48 -6.28 -19.90
CA LYS B 116 9.11 -6.73 -19.81
C LYS B 116 9.02 -8.16 -19.24
N GLY B 117 8.19 -8.33 -18.22
CA GLY B 117 8.09 -9.56 -17.51
C GLY B 117 6.89 -10.41 -17.92
N SER B 118 5.86 -9.82 -18.47
CA SER B 118 4.66 -10.59 -18.87
C SER B 118 3.88 -9.69 -19.77
N GLU B 119 3.04 -10.27 -20.63
CA GLU B 119 2.28 -9.46 -21.59
C GLU B 119 1.41 -8.48 -20.79
N CYS B 120 1.18 -7.29 -21.32
CA CYS B 120 0.34 -6.31 -20.64
C CYS B 120 -1.13 -6.76 -20.66
N VAL B 121 -1.88 -6.48 -19.60
CA VAL B 121 -3.31 -6.81 -19.58
C VAL B 121 -4.20 -5.56 -19.59
N LYS B 122 -5.08 -5.54 -20.59
CA LYS B 122 -6.01 -4.48 -20.81
C LYS B 122 -7.36 -4.98 -20.36
N VAL B 123 -8.05 -4.15 -19.56
CA VAL B 123 -9.34 -4.56 -19.04
C VAL B 123 -10.43 -3.60 -19.47
N ASP B 124 -11.55 -4.20 -19.86
CA ASP B 124 -12.71 -3.46 -20.35
C ASP B 124 -13.52 -3.12 -19.12
N LEU B 125 -13.52 -1.85 -18.79
CA LEU B 125 -14.23 -1.32 -17.64
C LEU B 125 -13.88 -2.08 -16.34
N SER B 126 -14.88 -2.61 -15.66
CA SER B 126 -14.63 -3.35 -14.44
C SER B 126 -14.12 -4.73 -14.79
N ALA B 127 -13.36 -5.32 -13.87
CA ALA B 127 -12.83 -6.65 -14.10
C ALA B 127 -13.87 -7.76 -13.78
N GLU B 128 -13.80 -8.86 -14.51
CA GLU B 128 -14.39 -10.11 -13.98
C GLU B 128 -13.46 -11.27 -14.32
N GLU B 129 -13.79 -12.55 -14.09
CA GLU B 129 -12.99 -13.54 -14.78
C GLU B 129 -13.41 -13.11 -16.16
N GLU B 130 -12.60 -13.28 -17.20
CA GLU B 130 -11.26 -13.81 -17.15
C GLU B 130 -10.25 -12.67 -17.10
N ASP B 131 -10.65 -11.46 -16.70
CA ASP B 131 -9.65 -10.40 -16.40
C ASP B 131 -8.83 -10.92 -15.24
N ILE B 132 -9.52 -11.60 -14.34
CA ILE B 132 -8.85 -12.17 -13.21
C ILE B 132 -7.87 -13.31 -13.58
N GLU B 133 -8.16 -14.16 -14.55
CA GLU B 133 -7.17 -15.20 -14.83
C GLU B 133 -5.97 -14.55 -15.48
N ARG B 134 -6.20 -13.48 -16.24
CA ARG B 134 -5.13 -12.85 -16.99
C ARG B 134 -4.25 -12.10 -16.05
N LEU B 135 -4.86 -11.37 -15.13
CA LEU B 135 -4.14 -10.64 -14.11
C LEU B 135 -3.41 -11.58 -13.17
N GLU B 136 -4.07 -12.67 -12.82
CA GLU B 136 -3.44 -13.76 -12.07
C GLU B 136 -2.23 -14.31 -12.82
N GLN B 137 -2.36 -14.50 -14.14
CA GLN B 137 -1.22 -15.02 -14.89
C GLN B 137 -0.09 -14.01 -15.00
N PHE B 138 -0.48 -12.78 -15.21
CA PHE B 138 0.47 -11.66 -15.23
C PHE B 138 1.31 -11.71 -13.94
N ALA B 139 0.65 -11.85 -12.80
CA ALA B 139 1.42 -11.89 -11.54
C ALA B 139 2.28 -13.16 -11.38
N GLU B 140 1.71 -14.33 -11.72
CA GLU B 140 2.52 -15.58 -11.70
C GLU B 140 3.76 -15.41 -12.55
N GLU B 141 3.62 -14.84 -13.77
CA GLU B 141 4.76 -14.76 -14.68
C GLU B 141 5.83 -13.85 -14.16
N LEU B 142 5.43 -12.76 -13.52
CA LEU B 142 6.39 -11.80 -12.99
C LEU B 142 7.11 -12.30 -11.76
N ALA B 143 6.39 -13.00 -10.88
CA ALA B 143 7.03 -13.68 -9.76
C ALA B 143 8.10 -14.68 -10.27
N ALA B 144 7.77 -15.44 -11.31
CA ALA B 144 8.69 -16.47 -11.86
C ALA B 144 10.03 -15.88 -12.36
N LYS B 145 10.03 -14.67 -12.91
CA LYS B 145 11.28 -14.03 -13.28
C LYS B 145 12.06 -13.52 -12.05
N VAL B 146 11.42 -13.61 -10.87
CA VAL B 146 12.08 -13.37 -9.56
C VAL B 146 12.66 -11.97 -9.43
#